data_5EDL
#
_entry.id   5EDL
#
_cell.length_a   70.713
_cell.length_b   70.713
_cell.length_c   196.839
_cell.angle_alpha   90.000
_cell.angle_beta   90.000
_cell.angle_gamma   90.000
#
_symmetry.space_group_name_H-M   'I 4 2 2'
#
loop_
_entity.id
_entity.type
_entity.pdbx_description
1 polymer 'Putative HMP/thiamine permease protein YkoE'
2 non-polymer 3-(4-AMINO-2-METHYL-PYRIMIDIN-5-YLMETHYL)-5-(2-HYDROXY-ETHYL)-4-METHYL-THIAZOL-3-IUM
3 non-polymer '[(Z)-octadec-9-enyl] (2R)-2,3-bis(oxidanyl)propanoate'
4 water water
#
_entity_poly.entity_id   1
_entity_poly.type   'polypeptide(L)'
_entity_poly.pdbx_seq_one_letter_code
;SWKVKEIVIMSVISIVFAVVYLLFTHFGNVLAGMFGPIAYEPIYGIWFIVSVIAAYMIRKPGAALVSEIIAALVECLLGN
PSGPMVIVIGIVQGLGAEAVFLATRWKAYSLPVLMLAGMGSSVASFIYDLFVSGYAAYSPGYLLIMLVIRLISGALLAGL
LGKAVSDSLAYTGVLNGMALGKELKKKRKRASEHASL
;
_entity_poly.pdbx_strand_id   A
#
loop_
_chem_comp.id
_chem_comp.type
_chem_comp.name
_chem_comp.formula
MPG non-polymer '[(Z)-octadec-9-enyl] (2R)-2,3-bis(oxidanyl)propanoate' 'C21 H40 O4'
VIB non-polymer 3-(4-AMINO-2-METHYL-PYRIMIDIN-5-YLMETHYL)-5-(2-HYDROXY-ETHYL)-4-METHYL-THIAZOL-3-IUM 'C12 H17 N4 O S 1'
#
# COMPACT_ATOMS: atom_id res chain seq x y z
N SER A 1 12.83 -14.97 -8.61
CA SER A 1 11.90 -16.09 -8.64
C SER A 1 11.22 -16.30 -7.29
N TRP A 2 9.90 -16.18 -7.27
CA TRP A 2 9.12 -16.33 -6.04
C TRP A 2 9.25 -17.70 -5.39
N LYS A 3 9.27 -17.72 -4.07
CA LYS A 3 9.24 -18.95 -3.28
C LYS A 3 7.84 -19.15 -2.72
N VAL A 4 7.49 -20.39 -2.44
CA VAL A 4 6.20 -20.75 -1.88
C VAL A 4 5.93 -19.92 -0.64
N LYS A 5 6.91 -19.91 0.26
CA LYS A 5 6.78 -19.17 1.52
C LYS A 5 6.50 -17.68 1.29
N GLU A 6 7.05 -17.10 0.22
CA GLU A 6 6.82 -15.68 -0.06
C GLU A 6 5.38 -15.46 -0.53
N ILE A 7 4.92 -16.35 -1.40
CA ILE A 7 3.54 -16.28 -1.87
C ILE A 7 2.62 -16.39 -0.64
N VAL A 8 2.93 -17.34 0.24
CA VAL A 8 2.15 -17.54 1.46
C VAL A 8 2.18 -16.34 2.41
N ILE A 9 3.36 -15.79 2.70
CA ILE A 9 3.45 -14.65 3.61
C ILE A 9 2.75 -13.41 3.04
N MET A 10 2.84 -13.26 1.72
CA MET A 10 2.17 -12.15 1.06
C MET A 10 0.67 -12.24 1.28
N SER A 11 0.13 -13.45 1.19
CA SER A 11 -1.29 -13.67 1.39
C SER A 11 -1.74 -13.37 2.82
N VAL A 12 -0.96 -13.81 3.82
CA VAL A 12 -1.36 -13.56 5.19
C VAL A 12 -1.41 -12.05 5.46
N ILE A 13 -0.42 -11.31 4.96
CA ILE A 13 -0.40 -9.86 5.12
C ILE A 13 -1.62 -9.21 4.44
N SER A 14 -1.97 -9.70 3.26
CA SER A 14 -3.11 -9.16 2.51
C SER A 14 -4.41 -9.35 3.26
N ILE A 15 -4.53 -10.54 3.85
CA ILE A 15 -5.71 -10.92 4.61
C ILE A 15 -5.86 -10.08 5.88
N VAL A 16 -4.77 -9.95 6.62
CA VAL A 16 -4.78 -9.16 7.85
C VAL A 16 -5.15 -7.72 7.56
N PHE A 17 -4.53 -7.14 6.54
CA PHE A 17 -4.79 -5.74 6.22
C PHE A 17 -6.13 -5.53 5.52
N ALA A 18 -6.71 -6.60 4.97
CA ALA A 18 -8.08 -6.52 4.46
C ALA A 18 -9.03 -6.11 5.57
N VAL A 19 -8.78 -6.62 6.77
CA VAL A 19 -9.57 -6.25 7.94
C VAL A 19 -9.41 -4.76 8.26
N VAL A 20 -8.17 -4.27 8.22
CA VAL A 20 -7.91 -2.85 8.43
C VAL A 20 -8.59 -1.98 7.37
N TYR A 21 -8.42 -2.37 6.11
CA TYR A 21 -9.06 -1.70 4.98
C TYR A 21 -10.58 -1.55 5.21
N LEU A 22 -11.22 -2.63 5.66
CA LEU A 22 -12.66 -2.62 5.82
C LEU A 22 -13.10 -1.63 6.90
N LEU A 23 -12.36 -1.59 8.00
CA LEU A 23 -12.60 -0.66 9.09
C LEU A 23 -12.53 0.78 8.59
N PHE A 24 -11.46 1.09 7.85
CA PHE A 24 -11.27 2.44 7.31
C PHE A 24 -12.29 2.79 6.25
N THR A 25 -12.75 1.79 5.51
CA THR A 25 -13.82 2.02 4.55
C THR A 25 -15.09 2.49 5.26
N HIS A 26 -15.41 1.83 6.36
CA HIS A 26 -16.59 2.24 7.15
C HIS A 26 -16.45 3.69 7.62
N PHE A 27 -15.29 4.04 8.19
CA PHE A 27 -14.95 5.44 8.52
C PHE A 27 -15.14 6.39 7.35
N GLY A 28 -14.62 6.01 6.19
CA GLY A 28 -14.68 6.83 5.01
C GLY A 28 -16.09 7.11 4.55
N ASN A 29 -16.96 6.10 4.62
CA ASN A 29 -18.36 6.29 4.27
C ASN A 29 -19.05 7.29 5.20
N VAL A 30 -18.79 7.16 6.50
CA VAL A 30 -19.39 8.06 7.46
C VAL A 30 -18.88 9.48 7.23
N LEU A 31 -17.57 9.59 6.99
CA LEU A 31 -16.94 10.88 6.72
C LEU A 31 -17.50 11.54 5.45
N ALA A 32 -17.55 10.79 4.34
CA ALA A 32 -18.12 11.27 3.08
C ALA A 32 -19.55 11.76 3.25
N GLY A 33 -20.37 10.97 3.94
CA GLY A 33 -21.74 11.33 4.22
C GLY A 33 -21.85 12.65 4.99
N MET A 34 -20.98 12.85 5.97
CA MET A 34 -21.01 14.05 6.79
C MET A 34 -20.47 15.29 6.07
N PHE A 35 -19.33 15.15 5.39
CA PHE A 35 -18.57 16.32 4.95
C PHE A 35 -18.18 16.34 3.48
N GLY A 36 -18.56 15.30 2.76
CA GLY A 36 -18.19 15.17 1.36
C GLY A 36 -16.89 14.39 1.20
N PRO A 37 -16.52 14.11 -0.06
CA PRO A 37 -15.38 13.23 -0.34
C PRO A 37 -14.05 13.71 0.24
N ILE A 38 -13.82 15.02 0.28
CA ILE A 38 -12.54 15.53 0.75
C ILE A 38 -12.23 15.00 2.15
N ALA A 39 -13.27 14.71 2.93
CA ALA A 39 -13.08 14.28 4.32
C ALA A 39 -12.34 12.94 4.47
N TYR A 40 -12.42 12.04 3.48
CA TYR A 40 -11.64 10.80 3.60
C TYR A 40 -10.29 10.86 2.89
N GLU A 41 -10.00 11.97 2.22
CA GLU A 41 -8.74 12.04 1.48
C GLU A 41 -7.49 11.91 2.39
N PRO A 42 -7.50 12.53 3.58
CA PRO A 42 -6.34 12.41 4.47
C PRO A 42 -5.97 10.98 4.86
N ILE A 43 -6.95 10.07 4.92
CA ILE A 43 -6.67 8.70 5.33
C ILE A 43 -6.50 7.77 4.13
N TYR A 44 -6.60 8.32 2.92
CA TYR A 44 -6.71 7.47 1.72
C TYR A 44 -5.53 6.51 1.55
N GLY A 45 -4.32 6.96 1.86
CA GLY A 45 -3.13 6.16 1.66
C GLY A 45 -3.11 4.85 2.43
N ILE A 46 -3.92 4.74 3.48
CA ILE A 46 -3.99 3.49 4.23
C ILE A 46 -4.44 2.35 3.30
N TRP A 47 -5.29 2.66 2.33
CA TRP A 47 -5.79 1.60 1.43
C TRP A 47 -4.74 1.12 0.43
N PHE A 48 -3.56 1.75 0.43
CA PHE A 48 -2.46 1.30 -0.43
C PHE A 48 -1.33 0.58 0.34
N ILE A 49 -1.40 0.58 1.66
CA ILE A 49 -0.23 0.20 2.46
C ILE A 49 0.24 -1.24 2.17
N VAL A 50 -0.69 -2.14 1.85
CA VAL A 50 -0.35 -3.52 1.54
C VAL A 50 0.65 -3.61 0.39
N SER A 51 0.47 -2.77 -0.62
CA SER A 51 1.36 -2.80 -1.78
C SER A 51 2.79 -2.49 -1.37
N VAL A 52 2.95 -1.49 -0.51
CA VAL A 52 4.27 -1.05 -0.11
C VAL A 52 4.92 -2.12 0.77
N ILE A 53 4.15 -2.68 1.70
CA ILE A 53 4.63 -3.70 2.63
C ILE A 53 5.13 -4.93 1.87
N ALA A 54 4.29 -5.47 0.99
CA ALA A 54 4.66 -6.68 0.25
C ALA A 54 5.90 -6.45 -0.61
N ALA A 55 5.96 -5.31 -1.30
CA ALA A 55 7.10 -5.03 -2.19
C ALA A 55 8.39 -4.84 -1.39
N TYR A 56 8.30 -4.01 -0.35
CA TYR A 56 9.47 -3.70 0.48
C TYR A 56 9.98 -4.96 1.20
N MET A 57 9.08 -5.84 1.61
CA MET A 57 9.47 -7.07 2.29
C MET A 57 10.06 -8.11 1.34
N ILE A 58 9.40 -8.31 0.20
CA ILE A 58 9.69 -9.45 -0.65
C ILE A 58 10.62 -9.08 -1.80
N ARG A 59 10.39 -7.88 -2.37
CA ARG A 59 11.29 -7.27 -3.34
C ARG A 59 11.38 -8.07 -4.63
N LYS A 60 10.24 -8.58 -5.10
CA LYS A 60 10.17 -9.29 -6.36
C LYS A 60 8.98 -8.76 -7.17
N PRO A 61 9.04 -8.90 -8.49
CA PRO A 61 8.03 -8.29 -9.36
C PRO A 61 6.64 -8.84 -9.08
N GLY A 62 5.65 -7.97 -9.08
CA GLY A 62 4.28 -8.37 -8.87
C GLY A 62 3.80 -8.30 -7.44
N ALA A 63 4.71 -8.06 -6.49
CA ALA A 63 4.33 -8.03 -5.08
C ALA A 63 3.29 -6.96 -4.78
N ALA A 64 3.53 -5.75 -5.30
CA ALA A 64 2.67 -4.61 -5.00
C ALA A 64 1.29 -4.85 -5.60
N LEU A 65 1.27 -5.42 -6.79
CA LEU A 65 0.03 -5.60 -7.53
C LEU A 65 -0.82 -6.71 -6.91
N VAL A 66 -0.21 -7.88 -6.72
CA VAL A 66 -0.95 -9.05 -6.27
C VAL A 66 -1.39 -8.93 -4.81
N SER A 67 -0.53 -8.43 -3.94
CA SER A 67 -0.91 -8.26 -2.55
C SER A 67 -2.16 -7.37 -2.40
N GLU A 68 -2.23 -6.27 -3.17
CA GLU A 68 -3.36 -5.34 -3.10
C GLU A 68 -4.64 -6.00 -3.64
N ILE A 69 -4.51 -6.79 -4.71
CA ILE A 69 -5.65 -7.52 -5.25
C ILE A 69 -6.22 -8.46 -4.19
N ILE A 70 -5.36 -9.23 -3.55
CA ILE A 70 -5.82 -10.17 -2.51
C ILE A 70 -6.48 -9.43 -1.33
N ALA A 71 -5.85 -8.34 -0.89
CA ALA A 71 -6.42 -7.54 0.19
C ALA A 71 -7.82 -7.01 -0.20
N ALA A 72 -7.96 -6.53 -1.43
CA ALA A 72 -9.24 -5.99 -1.91
C ALA A 72 -10.31 -7.09 -2.02
N LEU A 73 -9.90 -8.25 -2.52
CA LEU A 73 -10.78 -9.40 -2.63
C LEU A 73 -11.34 -9.75 -1.26
N VAL A 74 -10.46 -9.83 -0.28
CA VAL A 74 -10.86 -10.26 1.04
C VAL A 74 -11.71 -9.18 1.72
N GLU A 75 -11.37 -7.91 1.49
CA GLU A 75 -12.20 -6.83 2.00
C GLU A 75 -13.63 -6.92 1.43
N CYS A 76 -13.73 -7.23 0.15
CA CYS A 76 -15.02 -7.44 -0.50
C CYS A 76 -15.78 -8.59 0.18
N LEU A 77 -15.09 -9.72 0.35
CA LEU A 77 -15.68 -10.89 1.00
C LEU A 77 -16.19 -10.59 2.41
N LEU A 78 -15.42 -9.81 3.17
CA LEU A 78 -15.76 -9.44 4.54
C LEU A 78 -16.94 -8.46 4.62
N GLY A 79 -17.40 -7.97 3.48
CA GLY A 79 -18.62 -7.19 3.45
C GLY A 79 -18.51 -5.72 3.08
N ASN A 80 -17.49 -5.35 2.31
CA ASN A 80 -17.42 -3.99 1.77
C ASN A 80 -18.75 -3.64 1.11
N PRO A 81 -19.39 -2.56 1.56
CA PRO A 81 -20.75 -2.18 1.12
C PRO A 81 -20.85 -1.89 -0.38
N SER A 82 -19.74 -1.53 -1.00
CA SER A 82 -19.74 -1.24 -2.43
C SER A 82 -19.59 -2.50 -3.27
N GLY A 83 -19.49 -3.65 -2.61
CA GLY A 83 -19.32 -4.91 -3.32
C GLY A 83 -18.04 -5.01 -4.12
N PRO A 84 -18.11 -5.70 -5.28
CA PRO A 84 -16.94 -6.02 -6.11
C PRO A 84 -16.22 -4.83 -6.74
N MET A 85 -16.83 -3.65 -6.78
CA MET A 85 -16.10 -2.52 -7.36
C MET A 85 -14.85 -2.17 -6.52
N VAL A 86 -14.83 -2.60 -5.26
CA VAL A 86 -13.62 -2.37 -4.45
C VAL A 86 -12.47 -3.23 -4.99
N ILE A 87 -12.79 -4.37 -5.61
CA ILE A 87 -11.76 -5.22 -6.21
C ILE A 87 -11.16 -4.51 -7.44
N VAL A 88 -12.00 -3.78 -8.17
CA VAL A 88 -11.52 -3.00 -9.30
C VAL A 88 -10.58 -1.89 -8.84
N ILE A 89 -10.99 -1.11 -7.84
CA ILE A 89 -10.10 -0.04 -7.40
C ILE A 89 -8.84 -0.63 -6.79
N GLY A 90 -8.97 -1.82 -6.21
CA GLY A 90 -7.81 -2.54 -5.69
C GLY A 90 -6.82 -2.88 -6.78
N ILE A 91 -7.33 -3.44 -7.89
CA ILE A 91 -6.50 -3.73 -9.05
C ILE A 91 -5.84 -2.45 -9.54
N VAL A 92 -6.62 -1.38 -9.70
CA VAL A 92 -6.08 -0.10 -10.17
C VAL A 92 -4.98 0.43 -9.25
N GLN A 93 -5.23 0.43 -7.95
CA GLN A 93 -4.24 0.87 -6.98
C GLN A 93 -2.98 0.02 -7.02
N GLY A 94 -3.13 -1.30 -7.15
CA GLY A 94 -2.00 -2.21 -7.24
C GLY A 94 -1.13 -1.96 -8.46
N LEU A 95 -1.77 -1.64 -9.59
CA LEU A 95 -1.06 -1.31 -10.84
C LEU A 95 -0.30 -0.01 -10.72
N GLY A 96 -0.93 0.97 -10.06
CA GLY A 96 -0.30 2.25 -9.81
C GLY A 96 0.97 2.14 -8.97
N ALA A 97 0.92 1.33 -7.92
CA ALA A 97 2.11 1.07 -7.08
C ALA A 97 3.15 0.23 -7.84
N GLU A 98 2.69 -0.83 -8.48
CA GLU A 98 3.57 -1.72 -9.22
C GLU A 98 4.34 -0.97 -10.31
N ALA A 99 3.70 0.02 -10.94
CA ALA A 99 4.34 0.76 -12.02
C ALA A 99 5.63 1.45 -11.55
N VAL A 100 5.64 1.90 -10.30
CA VAL A 100 6.82 2.56 -9.74
C VAL A 100 7.94 1.55 -9.48
N PHE A 101 7.59 0.34 -9.05
CA PHE A 101 8.61 -0.69 -8.83
C PHE A 101 9.08 -1.22 -10.17
N LEU A 102 8.16 -1.32 -11.14
CA LEU A 102 8.56 -1.63 -12.50
C LEU A 102 9.57 -0.59 -13.02
N ALA A 103 9.26 0.68 -12.83
CA ALA A 103 10.09 1.76 -13.35
C ALA A 103 11.51 1.72 -12.77
N THR A 104 11.64 1.19 -11.56
CA THR A 104 12.95 1.11 -10.88
C THR A 104 13.45 -0.34 -10.84
N ARG A 105 12.85 -1.18 -11.69
CA ARG A 105 13.32 -2.54 -11.97
C ARG A 105 13.31 -3.46 -10.76
N TRP A 106 12.43 -3.15 -9.81
CA TRP A 106 12.27 -3.93 -8.59
C TRP A 106 13.59 -4.06 -7.83
N LYS A 107 14.47 -3.09 -8.02
CA LYS A 107 15.77 -3.06 -7.34
C LYS A 107 15.93 -1.90 -6.35
N ALA A 108 14.91 -1.06 -6.22
CA ALA A 108 15.02 0.13 -5.38
C ALA A 108 13.93 0.19 -4.32
N TYR A 109 14.34 0.22 -3.05
CA TYR A 109 13.36 0.21 -1.97
C TYR A 109 13.64 1.28 -0.91
N SER A 110 14.36 2.32 -1.31
CA SER A 110 14.56 3.49 -0.46
C SER A 110 13.21 4.19 -0.21
N LEU A 111 13.13 4.97 0.85
CA LEU A 111 11.89 5.62 1.27
C LEU A 111 11.24 6.45 0.15
N PRO A 112 12.03 7.25 -0.57
CA PRO A 112 11.48 8.05 -1.68
C PRO A 112 10.78 7.18 -2.73
N VAL A 113 11.32 5.99 -3.01
CA VAL A 113 10.68 5.10 -3.96
C VAL A 113 9.38 4.51 -3.37
N LEU A 114 9.39 4.15 -2.09
CA LEU A 114 8.19 3.67 -1.43
C LEU A 114 7.10 4.76 -1.44
N MET A 115 7.50 6.00 -1.19
CA MET A 115 6.55 7.10 -1.19
C MET A 115 5.97 7.36 -2.59
N LEU A 116 6.84 7.33 -3.61
CA LEU A 116 6.40 7.39 -5.00
C LEU A 116 5.40 6.29 -5.35
N ALA A 117 5.65 5.09 -4.83
CA ALA A 117 4.78 3.96 -5.08
C ALA A 117 3.38 4.24 -4.50
N GLY A 118 3.36 4.72 -3.26
CA GLY A 118 2.13 5.20 -2.63
C GLY A 118 1.42 6.23 -3.50
N MET A 119 2.18 7.21 -4.00
CA MET A 119 1.62 8.25 -4.87
C MET A 119 1.12 7.71 -6.21
N GLY A 120 1.75 6.64 -6.69
CA GLY A 120 1.29 5.98 -7.89
C GLY A 120 -0.13 5.44 -7.68
N SER A 121 -0.37 4.86 -6.52
CA SER A 121 -1.70 4.37 -6.20
C SER A 121 -2.67 5.55 -6.07
N SER A 122 -2.20 6.65 -5.48
CA SER A 122 -3.00 7.86 -5.35
C SER A 122 -3.49 8.33 -6.72
N VAL A 123 -2.57 8.42 -7.67
CA VAL A 123 -2.91 8.86 -9.02
C VAL A 123 -3.87 7.90 -9.72
N ALA A 124 -3.55 6.61 -9.66
CA ALA A 124 -4.38 5.60 -10.34
C ALA A 124 -5.81 5.56 -9.78
N SER A 125 -5.94 5.64 -8.46
CA SER A 125 -7.25 5.62 -7.85
C SER A 125 -7.98 6.91 -8.18
N PHE A 126 -7.26 8.02 -8.35
CA PHE A 126 -7.94 9.27 -8.68
C PHE A 126 -8.53 9.19 -10.10
N ILE A 127 -7.77 8.58 -11.01
CA ILE A 127 -8.28 8.33 -12.36
C ILE A 127 -9.55 7.49 -12.28
N TYR A 128 -9.49 6.39 -11.52
CA TYR A 128 -10.65 5.53 -11.32
C TYR A 128 -11.87 6.33 -10.84
N ASP A 129 -11.67 7.19 -9.86
CA ASP A 129 -12.77 7.96 -9.29
C ASP A 129 -13.41 8.94 -10.27
N LEU A 130 -12.61 9.50 -11.17
CA LEU A 130 -13.14 10.38 -12.21
C LEU A 130 -14.06 9.61 -13.18
N PHE A 131 -13.81 8.31 -13.35
CA PHE A 131 -14.67 7.48 -14.17
C PHE A 131 -15.91 7.01 -13.43
N VAL A 132 -15.73 6.62 -12.17
CA VAL A 132 -16.72 5.80 -11.49
C VAL A 132 -17.39 6.48 -10.31
N SER A 133 -16.65 7.30 -9.58
CA SER A 133 -17.08 7.73 -8.25
C SER A 133 -17.66 9.13 -8.19
N GLY A 134 -18.03 9.67 -9.35
CA GLY A 134 -18.68 10.97 -9.44
C GLY A 134 -17.74 12.15 -9.29
N TYR A 135 -16.43 11.92 -9.34
CA TYR A 135 -15.46 13.00 -9.20
C TYR A 135 -15.51 13.97 -10.38
N ALA A 136 -16.00 13.49 -11.52
CA ALA A 136 -16.02 14.32 -12.71
C ALA A 136 -17.01 15.49 -12.57
N ALA A 137 -17.87 15.42 -11.55
CA ALA A 137 -18.84 16.47 -11.29
C ALA A 137 -18.25 17.66 -10.51
N TYR A 138 -17.03 17.51 -10.00
CA TYR A 138 -16.44 18.50 -9.10
C TYR A 138 -15.61 19.55 -9.83
N SER A 139 -15.37 20.68 -9.14
CA SER A 139 -14.60 21.78 -9.72
C SER A 139 -13.10 21.49 -9.75
N PRO A 140 -12.36 22.21 -10.61
CA PRO A 140 -10.90 22.05 -10.65
C PRO A 140 -10.26 22.31 -9.30
N GLY A 141 -10.70 23.34 -8.57
CA GLY A 141 -10.15 23.64 -7.27
C GLY A 141 -10.33 22.51 -6.24
N TYR A 142 -11.56 22.00 -6.16
CA TYR A 142 -11.86 20.91 -5.25
C TYR A 142 -11.08 19.66 -5.61
N LEU A 143 -11.05 19.34 -6.90
CA LEU A 143 -10.33 18.15 -7.37
C LEU A 143 -8.84 18.28 -7.12
N LEU A 144 -8.30 19.46 -7.38
CA LEU A 144 -6.89 19.71 -7.18
C LEU A 144 -6.51 19.55 -5.71
N ILE A 145 -7.34 20.10 -4.83
CA ILE A 145 -7.08 19.98 -3.40
C ILE A 145 -7.14 18.51 -2.95
N MET A 146 -8.12 17.77 -3.46
CA MET A 146 -8.26 16.36 -3.07
C MET A 146 -7.09 15.52 -3.58
N LEU A 147 -6.66 15.74 -4.82
CA LEU A 147 -5.52 15.02 -5.36
C LEU A 147 -4.26 15.27 -4.55
N VAL A 148 -4.02 16.54 -4.20
CA VAL A 148 -2.84 16.88 -3.42
C VAL A 148 -2.87 16.18 -2.07
N ILE A 149 -4.00 16.25 -1.37
CA ILE A 149 -4.17 15.54 -0.11
C ILE A 149 -3.97 14.03 -0.30
N ARG A 150 -4.55 13.47 -1.35
CA ARG A 150 -4.40 12.03 -1.56
C ARG A 150 -2.94 11.67 -1.89
N LEU A 151 -2.25 12.53 -2.61
CA LEU A 151 -0.84 12.28 -2.92
C LEU A 151 0.00 12.27 -1.63
N ILE A 152 -0.25 13.23 -0.74
CA ILE A 152 0.49 13.29 0.51
C ILE A 152 0.19 12.08 1.38
N SER A 153 -1.09 11.71 1.43
CA SER A 153 -1.54 10.58 2.23
C SER A 153 -0.95 9.26 1.71
N GLY A 154 -0.88 9.13 0.38
CA GLY A 154 -0.23 7.99 -0.23
C GLY A 154 1.26 7.94 0.14
N ALA A 155 1.93 9.08 0.10
CA ALA A 155 3.36 9.14 0.44
C ALA A 155 3.56 8.75 1.92
N LEU A 156 2.67 9.23 2.80
CA LEU A 156 2.87 9.09 4.23
C LEU A 156 2.24 7.82 4.85
N LEU A 157 0.98 7.54 4.53
CA LEU A 157 0.27 6.41 5.13
C LEU A 157 0.51 5.08 4.42
N ALA A 158 0.98 5.14 3.18
CA ALA A 158 1.37 3.91 2.50
C ALA A 158 2.89 3.78 2.49
N GLY A 159 3.58 4.76 1.90
CA GLY A 159 5.03 4.70 1.77
C GLY A 159 5.78 4.68 3.10
N LEU A 160 5.65 5.75 3.88
CA LEU A 160 6.36 5.86 5.14
C LEU A 160 5.84 4.89 6.21
N LEU A 161 4.53 4.86 6.39
CA LEU A 161 3.93 3.97 7.38
C LEU A 161 4.13 2.50 7.01
N GLY A 162 4.10 2.21 5.71
CA GLY A 162 4.34 0.87 5.22
C GLY A 162 5.77 0.40 5.52
N LYS A 163 6.73 1.31 5.35
CA LYS A 163 8.11 0.99 5.69
C LYS A 163 8.26 0.75 7.19
N ALA A 164 7.64 1.62 7.99
CA ALA A 164 7.69 1.49 9.45
C ALA A 164 7.09 0.17 9.95
N VAL A 165 5.93 -0.19 9.43
CA VAL A 165 5.32 -1.46 9.80
C VAL A 165 6.23 -2.64 9.42
N SER A 166 6.75 -2.61 8.20
CA SER A 166 7.60 -3.68 7.66
C SER A 166 8.86 -3.83 8.50
N ASP A 167 9.52 -2.71 8.79
CA ASP A 167 10.72 -2.70 9.61
C ASP A 167 10.45 -3.28 10.99
N SER A 168 9.32 -2.87 11.59
CA SER A 168 8.92 -3.40 12.90
C SER A 168 8.77 -4.91 12.87
N LEU A 169 8.14 -5.43 11.82
CA LEU A 169 8.02 -6.87 11.65
C LEU A 169 9.40 -7.52 11.49
N ALA A 170 10.25 -6.93 10.65
CA ALA A 170 11.60 -7.44 10.44
C ALA A 170 12.36 -7.61 11.75
N TYR A 171 12.17 -6.67 12.66
CA TYR A 171 12.81 -6.71 13.98
C TYR A 171 12.30 -7.86 14.87
N THR A 172 11.16 -8.46 14.54
CA THR A 172 10.66 -9.58 15.35
C THR A 172 11.36 -10.89 14.97
N GLY A 173 11.98 -10.90 13.80
CA GLY A 173 12.63 -12.10 13.29
C GLY A 173 11.79 -12.87 12.28
N VAL A 174 10.52 -12.49 12.15
CA VAL A 174 9.59 -13.32 11.38
C VAL A 174 9.81 -13.21 9.88
N LEU A 175 10.56 -12.18 9.46
CA LEU A 175 10.84 -11.95 8.06
C LEU A 175 12.23 -12.46 7.64
N ASN A 176 12.84 -13.34 8.45
CA ASN A 176 14.20 -13.77 8.19
C ASN A 176 14.36 -14.52 6.88
N GLY A 177 13.27 -15.12 6.39
CA GLY A 177 13.28 -15.78 5.10
C GLY A 177 13.17 -14.83 3.91
N MET A 178 12.83 -13.57 4.17
CA MET A 178 12.54 -12.60 3.12
C MET A 178 13.72 -11.65 2.82
N ALA A 179 13.66 -10.99 1.68
CA ALA A 179 14.67 -10.00 1.32
C ALA A 179 14.88 -8.94 2.43
N LEU A 180 13.80 -8.43 3.02
CA LEU A 180 13.94 -7.41 4.06
C LEU A 180 14.66 -7.97 5.29
N GLY A 181 14.33 -9.21 5.65
CA GLY A 181 15.02 -9.89 6.73
C GLY A 181 16.49 -10.11 6.44
N LYS A 182 16.81 -10.48 5.20
CA LYS A 182 18.20 -10.62 4.78
C LYS A 182 18.94 -9.30 4.89
N GLU A 183 18.27 -8.20 4.54
CA GLU A 183 18.85 -6.88 4.64
C GLU A 183 19.19 -6.55 6.09
N LEU A 184 18.26 -6.80 7.00
CA LEU A 184 18.49 -6.58 8.42
C LEU A 184 19.67 -7.41 8.90
N LYS A 185 19.76 -8.65 8.44
CA LYS A 185 20.88 -9.53 8.79
C LYS A 185 22.22 -8.95 8.38
N LYS A 186 22.32 -8.53 7.11
CA LYS A 186 23.49 -7.86 6.59
C LYS A 186 23.86 -6.64 7.45
N LYS A 187 22.90 -5.77 7.72
CA LYS A 187 23.17 -4.58 8.50
C LYS A 187 23.65 -4.90 9.92
N ARG A 188 23.07 -5.92 10.52
CA ARG A 188 23.47 -6.34 11.86
C ARG A 188 24.88 -6.95 11.87
N LYS A 189 25.24 -7.69 10.84
CA LYS A 189 26.61 -8.22 10.74
C LYS A 189 27.60 -7.08 10.62
N ARG A 190 27.26 -6.09 9.80
CA ARG A 190 28.10 -4.91 9.64
C ARG A 190 28.32 -4.23 10.98
N ALA A 191 27.24 -4.03 11.73
CA ALA A 191 27.29 -3.32 13.00
C ALA A 191 28.05 -4.12 14.07
N SER A 192 27.93 -5.44 14.00
CA SER A 192 28.58 -6.34 14.97
C SER A 192 30.09 -6.28 14.87
N GLU A 193 30.58 -5.95 13.67
CA GLU A 193 32.01 -5.97 13.41
C GLU A 193 32.71 -4.79 14.06
N HIS A 194 31.94 -3.95 14.75
CA HIS A 194 32.53 -2.83 15.47
C HIS A 194 32.88 -3.20 16.91
N ALA A 195 32.56 -4.42 17.30
CA ALA A 195 32.87 -4.90 18.64
C ALA A 195 34.37 -5.19 18.78
N SER A 196 34.92 -4.88 19.96
CA SER A 196 36.33 -5.09 20.23
C SER A 196 36.55 -5.65 21.63
N LEU A 197 37.55 -6.52 21.76
CA LEU A 197 37.86 -7.18 23.02
C LEU A 197 38.83 -6.37 23.89
CM2 VIB B . -8.83 -1.77 -1.26
N4A VIB B . -9.61 2.99 -2.10
CM4 VIB B . -12.89 5.95 -0.14
O1 VIB B . -12.51 7.37 -3.71
C7 VIB B . -13.79 6.95 -4.13
C6 VIB B . -14.55 6.46 -2.91
C2 VIB B . -13.15 2.79 -2.42
S1 VIB B . -13.94 3.82 -3.29
C5 VIB B . -13.92 5.15 -2.49
C4 VIB B . -13.18 4.94 -1.27
N3 VIB B . -12.70 3.45 -1.22
C7A VIB B . -11.95 2.93 -0.08
C4A VIB B . -9.97 1.76 -1.42
N3A VIB B . -9.29 0.64 -1.64
C2A VIB B . -9.65 -0.51 -0.97
N1A VIB B . -10.69 -0.48 -0.08
C6A VIB B . -11.40 0.66 0.14
C5A VIB B . -11.02 1.79 -0.53
C2 MPG C . 1.11 0.98 -15.59
C3 MPG C . 2.42 0.23 -15.54
C4 MPG C . 2.32 -0.89 -14.54
C5 MPG C . 1.49 -2.01 -15.11
C6 MPG C . 2.26 -3.31 -15.02
C7 MPG C . 2.28 -3.76 -13.58
C8 MPG C . 2.60 -5.24 -13.52
C9 MPG C . 4.10 -5.42 -13.58
C10 MPG C . 4.69 -6.61 -13.36
C11 MPG C . 3.90 -7.87 -13.05
C12 MPG C . 4.34 -8.96 -14.02
C13 MPG C . 5.78 -9.35 -13.73
C14 MPG C . 6.72 -8.84 -14.82
C15 MPG C . 7.85 -9.82 -15.03
C16 MPG C . 9.16 -9.09 -15.06
C17 MPG C . 10.30 -10.09 -15.11
C18 MPG C . 11.53 -9.44 -14.50
O1 MPG C . 1.19 3.33 -15.99
C1 MPG C . 1.19 2.07 -16.63
H21C MPG C . 0.93 1.39 -14.71
H22C MPG C . 0.39 0.37 -15.83
H31C MPG C . 2.61 -0.14 -16.42
H32C MPG C . 3.14 0.84 -15.29
H41C MPG C . 3.22 -1.22 -14.32
H42C MPG C . 1.90 -0.56 -13.72
H51C MPG C . 0.66 -2.09 -14.61
H52C MPG C . 1.29 -1.81 -16.04
H61C MPG C . 1.82 -3.98 -15.58
H62C MPG C . 3.18 -3.17 -15.34
H71C MPG C . 2.96 -3.27 -13.09
H72C MPG C . 1.40 -3.61 -13.18
H81C MPG C . 2.26 -5.62 -12.70
H82C MPG C . 2.19 -5.70 -14.28
H9 MPG C . 4.66 -4.64 -13.78
H10 MPG C . 5.67 -6.67 -13.41
H111 MPG C . 4.08 -8.15 -12.13
H112 MPG C . 2.95 -7.70 -13.17
H121 MPG C . 3.77 -9.73 -13.90
H122 MPG C . 4.26 -8.62 -14.93
H131 MPG C . 6.05 -8.98 -12.88
H132 MPG C . 5.84 -10.32 -13.69
H141 MPG C . 6.22 -8.72 -15.65
H142 MPG C . 7.09 -7.98 -14.54
H151 MPG C . 7.85 -10.48 -14.30
H152 MPG C . 7.71 -10.29 -15.89
H161 MPG C . 9.20 -8.53 -15.87
H162 MPG C . 9.25 -8.53 -14.27
H171 MPG C . 10.06 -10.88 -14.58
H172 MPG C . 10.49 -10.34 -16.03
H181 MPG C . 11.35 -9.22 -13.55
H182 MPG C . 12.28 -10.07 -14.55
H183 MPG C . 11.75 -8.62 -14.98
HX31 MPG C . 0.42 2.01 -17.23
C2 MPG D . -10.69 2.30 -15.13
C3 MPG D . -9.65 3.24 -14.53
C4 MPG D . -8.31 2.97 -15.19
C5 MPG D . -7.18 3.69 -14.48
C6 MPG D . -5.87 3.20 -15.06
C7 MPG D . -4.72 4.08 -14.60
C8 MPG D . -3.90 3.38 -13.53
C9 MPG D . -2.66 2.74 -14.11
C10 MPG D . -1.44 3.29 -13.89
C11 MPG D . -1.30 4.55 -13.06
C12 MPG D . -0.22 5.45 -13.64
C13 MPG D . 0.50 6.17 -12.53
O1 MPG D . -12.68 1.27 -14.27
C1 MPG D . -12.02 2.51 -14.45
CXD MPG D . -15.02 0.34 -13.91
O2 MPG D . -14.74 -0.99 -14.32
C21 MPG D . -16.44 0.68 -14.29
O3 MPG D . -17.35 0.02 -13.44
O4 MPG D . -14.49 2.14 -15.35
CX3 MPG D . -14.06 1.31 -14.57
#